data_6VVE
#
_entry.id   6VVE
#
_cell.length_a   52.535
_cell.length_b   77.073
_cell.length_c   72.557
_cell.angle_alpha   90.000
_cell.angle_beta   90.000
_cell.angle_gamma   90.000
#
_symmetry.space_group_name_H-M   'P 21 21 2'
#
loop_
_entity.id
_entity.type
_entity.pdbx_description
1 polymer 'Dot/Icm T4SS effector'
2 non-polymer 'INOSITOL HEXAKISPHOSPHATE'
3 non-polymer "ADENOSINE-5'-DIPHOSPHATE"
4 non-polymer 'MANGANESE (II) ION'
5 water water
#
_entity_poly.entity_id   1
_entity_poly.type   'polypeptide(L)'
_entity_poly.pdbx_seq_one_letter_code
;A(MSE)PKINKIVNGTDLTPHYLSEPNKEFKIYRYNNEVYAVRFENDEP(MSE)DYVL(MSE)WKSHKSEHTQNSE
(MSE)IKNTEEDYKELGKGEQGTVYEKTEDKA(MSE)KVSRGRHPREFYEEINLHIIEQQFFLKYHGIQEHFVLGLWNIK
NEENVYFY(MSE)PKINAIPINKKIDQPKIEEFVLALKELNDAGYWHPDLANNPYHISPQNLIATEE(MSE)VKTIDLDG
GFRYDKGRVDELSRKSLVYGKDQWLYVYNFIYPPTDEEDHRIDWRVPIEKWYENNRDESLSDNPHTLLRFYHEGLISLPK
KLAHDLHETILEEL
;
_entity_poly.pdbx_strand_id   A
#
loop_
_chem_comp.id
_chem_comp.type
_chem_comp.name
_chem_comp.formula
ADP non-polymer ADENOSINE-5'-DIPHOSPHATE 'C10 H15 N5 O10 P2'
IHP non-polymer 'INOSITOL HEXAKISPHOSPHATE' 'C6 H18 O24 P6'
MN non-polymer 'MANGANESE (II) ION' 'Mn 2'
#
# COMPACT_ATOMS: atom_id res chain seq x y z
N PRO A 3 -25.15 6.12 -7.23
CA PRO A 3 -26.43 5.46 -7.52
C PRO A 3 -26.46 3.98 -7.10
N LYS A 4 -25.27 3.37 -7.04
CA LYS A 4 -25.18 1.94 -6.79
C LYS A 4 -25.29 1.58 -5.32
N ILE A 5 -25.03 2.51 -4.41
CA ILE A 5 -24.97 2.17 -2.98
C ILE A 5 -26.24 1.45 -2.55
N ASN A 6 -27.40 2.03 -2.87
CA ASN A 6 -28.67 1.41 -2.47
C ASN A 6 -28.91 0.09 -3.18
N LYS A 7 -28.29 -0.13 -4.34
CA LYS A 7 -28.40 -1.41 -5.01
C LYS A 7 -27.42 -2.42 -4.45
N ILE A 8 -26.23 -1.96 -4.04
CA ILE A 8 -25.23 -2.86 -3.50
C ILE A 8 -25.70 -3.47 -2.19
N VAL A 9 -26.31 -2.66 -1.31
CA VAL A 9 -26.79 -3.17 -0.03
C VAL A 9 -27.92 -4.17 -0.21
N ASN A 10 -28.52 -4.23 -1.39
CA ASN A 10 -29.52 -5.25 -1.70
C ASN A 10 -28.90 -6.54 -2.20
N GLY A 11 -27.57 -6.59 -2.36
CA GLY A 11 -26.92 -7.80 -2.78
C GLY A 11 -26.86 -8.84 -1.68
N THR A 12 -25.91 -9.77 -1.77
CA THR A 12 -25.77 -10.85 -0.80
C THR A 12 -24.84 -10.40 0.31
N ASP A 13 -25.32 -10.48 1.56
CA ASP A 13 -24.55 -10.03 2.72
C ASP A 13 -23.54 -11.12 3.09
N LEU A 14 -22.26 -10.83 2.90
CA LEU A 14 -21.17 -11.74 3.26
C LEU A 14 -20.48 -11.34 4.56
N THR A 15 -21.02 -10.34 5.27
CA THR A 15 -20.31 -9.79 6.42
C THR A 15 -19.90 -10.86 7.44
N PRO A 16 -20.73 -11.84 7.80
CA PRO A 16 -20.32 -12.82 8.81
C PRO A 16 -19.07 -13.61 8.43
N HIS A 17 -18.73 -13.67 7.15
CA HIS A 17 -17.55 -14.38 6.70
C HIS A 17 -16.27 -13.54 6.77
N TYR A 18 -16.35 -12.30 7.27
CA TYR A 18 -15.21 -11.40 7.24
C TYR A 18 -15.10 -10.52 8.47
N LEU A 19 -16.24 -10.09 9.01
CA LEU A 19 -16.25 -9.13 10.11
C LEU A 19 -17.11 -9.64 11.25
N SER A 20 -16.92 -9.02 12.42
CA SER A 20 -17.74 -9.37 13.58
C SER A 20 -19.21 -9.04 13.30
N GLU A 21 -20.09 -9.85 13.88
CA GLU A 21 -21.52 -9.72 13.67
C GLU A 21 -22.22 -9.56 15.02
N PRO A 22 -23.20 -8.64 15.12
CA PRO A 22 -23.60 -7.65 14.12
C PRO A 22 -22.61 -6.51 14.00
N ASN A 23 -22.72 -5.71 12.95
CA ASN A 23 -21.79 -4.63 12.66
C ASN A 23 -22.56 -3.36 12.36
N LYS A 24 -22.22 -2.28 13.06
CA LYS A 24 -22.88 -1.00 12.82
C LYS A 24 -22.17 -0.15 11.77
N GLU A 25 -20.88 -0.43 11.50
CA GLU A 25 -20.05 0.47 10.72
C GLU A 25 -19.77 -0.04 9.31
N PHE A 26 -19.57 -1.35 9.13
CA PHE A 26 -19.16 -1.88 7.85
C PHE A 26 -19.90 -3.17 7.53
N LYS A 27 -20.20 -3.35 6.24
CA LYS A 27 -20.84 -4.57 5.74
C LYS A 27 -20.16 -4.98 4.44
N ILE A 28 -20.18 -6.27 4.15
CA ILE A 28 -19.62 -6.83 2.92
C ILE A 28 -20.77 -7.39 2.09
N TYR A 29 -20.85 -6.97 0.83
CA TYR A 29 -21.91 -7.39 -0.06
C TYR A 29 -21.32 -7.86 -1.39
N ARG A 30 -21.90 -8.94 -1.93
CA ARG A 30 -21.65 -9.37 -3.29
C ARG A 30 -22.79 -8.86 -4.17
N TYR A 31 -22.47 -8.01 -5.14
CA TYR A 31 -23.47 -7.42 -6.03
C TYR A 31 -22.97 -7.46 -7.46
N ASN A 32 -23.67 -8.21 -8.30
CA ASN A 32 -23.33 -8.35 -9.72
C ASN A 32 -21.86 -8.73 -9.89
N ASN A 33 -21.49 -9.87 -9.32
CA ASN A 33 -20.16 -10.45 -9.48
C ASN A 33 -19.06 -9.50 -9.01
N GLU A 34 -19.35 -8.71 -7.97
CA GLU A 34 -18.38 -7.81 -7.38
C GLU A 34 -18.62 -7.77 -5.87
N VAL A 35 -17.55 -7.92 -5.11
CA VAL A 35 -17.61 -7.88 -3.65
C VAL A 35 -17.21 -6.50 -3.18
N TYR A 36 -18.12 -5.83 -2.48
CA TYR A 36 -17.93 -4.47 -2.00
C TYR A 36 -17.87 -4.44 -0.47
N ALA A 37 -17.20 -3.41 0.05
CA ALA A 37 -17.28 -3.05 1.45
C ALA A 37 -18.02 -1.72 1.57
N VAL A 38 -19.07 -1.70 2.39
CA VAL A 38 -19.93 -0.53 2.55
C VAL A 38 -19.80 -0.02 3.97
N ARG A 39 -19.56 1.29 4.12
CA ARG A 39 -19.47 1.92 5.43
C ARG A 39 -20.73 2.71 5.71
N PHE A 40 -21.05 2.86 6.99
CA PHE A 40 -22.29 3.48 7.43
C PHE A 40 -22.00 4.64 8.37
N GLU A 41 -22.87 5.66 8.32
CA GLU A 41 -22.89 6.74 9.28
C GLU A 41 -24.34 6.99 9.67
N ASN A 42 -24.58 7.15 10.97
CA ASN A 42 -25.93 7.44 11.48
C ASN A 42 -26.94 6.42 10.96
N ASP A 43 -26.54 5.15 10.97
CA ASP A 43 -27.40 4.02 10.62
C ASP A 43 -27.82 4.03 9.15
N GLU A 44 -27.05 4.67 8.27
CA GLU A 44 -27.37 4.74 6.86
C GLU A 44 -26.14 4.41 6.02
N PRO A 45 -26.33 3.78 4.85
CA PRO A 45 -25.18 3.52 3.98
C PRO A 45 -24.66 4.83 3.39
N MSE A 46 -23.35 5.03 3.47
CA MSE A 46 -22.75 6.29 3.04
CA MSE A 46 -22.73 6.28 3.05
C MSE A 46 -21.87 6.14 1.80
O MSE A 46 -21.98 6.93 0.86
CB MSE A 46 -21.92 6.88 4.17
CB MSE A 46 -21.88 6.84 4.20
CG MSE A 46 -22.73 7.32 5.38
CG MSE A 46 -21.27 8.20 3.95
SE MSE A 46 -24.14 8.61 4.97
SE MSE A 46 -22.60 9.58 3.59
CE MSE A 46 -23.09 9.86 3.89
CE MSE A 46 -23.97 9.06 4.89
H MSE A 46 -22.79 4.44 3.76
H MSE A 46 -22.79 4.44 3.75
HA MSE A 46 -23.48 6.88 2.82
HA MSE A 46 -23.44 6.92 2.85
HB2 MSE A 46 -21.28 6.22 4.47
HB2 MSE A 46 -22.44 6.90 4.99
HB3 MSE A 46 -21.45 7.67 3.83
HB3 MSE A 46 -21.14 6.22 4.36
HG2 MSE A 46 -23.15 6.55 5.78
HG2 MSE A 46 -20.78 8.48 4.74
HG3 MSE A 46 -22.13 7.74 6.02
HG3 MSE A 46 -20.68 8.15 3.19
HE1 MSE A 46 -23.64 10.62 3.65
HE1 MSE A 46 -24.68 9.73 4.88
HE2 MSE A 46 -22.33 10.16 4.41
HE2 MSE A 46 -24.33 8.20 4.64
HE3 MSE A 46 -22.78 9.41 3.08
HE3 MSE A 46 -23.57 9.01 5.76
N ASP A 47 -21.01 5.12 1.79
CA ASP A 47 -20.10 4.96 0.66
C ASP A 47 -19.68 3.50 0.58
N TYR A 48 -19.02 3.16 -0.53
CA TYR A 48 -18.59 1.80 -0.79
C TYR A 48 -17.22 1.80 -1.47
N VAL A 49 -16.56 0.65 -1.41
CA VAL A 49 -15.32 0.41 -2.15
C VAL A 49 -15.39 -1.00 -2.74
N LEU A 50 -14.76 -1.16 -3.90
CA LEU A 50 -14.69 -2.45 -4.57
C LEU A 50 -13.51 -3.24 -4.00
N MSE A 51 -13.76 -4.50 -3.66
CA MSE A 51 -12.70 -5.36 -3.12
C MSE A 51 -12.14 -6.32 -4.16
O MSE A 51 -10.93 -6.38 -4.34
CB MSE A 51 -13.23 -6.13 -1.91
CG MSE A 51 -13.76 -5.27 -0.76
SE MSE A 51 -12.49 -3.98 -0.01
CE MSE A 51 -11.00 -5.15 0.38
H MSE A 51 -14.53 -4.89 -3.74
HA MSE A 51 -11.98 -4.78 -2.81
HB2 MSE A 51 -13.95 -6.71 -2.20
HB3 MSE A 51 -12.50 -6.67 -1.54
HG2 MSE A 51 -14.52 -4.76 -1.09
HG3 MSE A 51 -14.04 -5.86 -0.04
HE1 MSE A 51 -10.18 -4.63 0.42
HE2 MSE A 51 -11.15 -5.59 1.23
HE3 MSE A 51 -10.92 -5.82 -0.33
N TRP A 52 -13.01 -7.08 -4.85
CA TRP A 52 -12.56 -7.98 -5.90
C TRP A 52 -13.77 -8.45 -6.71
N LYS A 53 -13.49 -9.12 -7.82
CA LYS A 53 -14.51 -9.68 -8.68
C LYS A 53 -14.78 -11.13 -8.28
N SER A 54 -16.06 -11.51 -8.30
CA SER A 54 -16.50 -12.81 -7.83
C SER A 54 -17.05 -13.65 -8.99
N HIS A 55 -16.82 -14.97 -8.91
CA HIS A 55 -17.36 -15.92 -9.86
C HIS A 55 -18.35 -16.87 -9.19
N LYS A 56 -18.91 -16.49 -8.05
CA LYS A 56 -19.87 -17.32 -7.33
C LYS A 56 -20.98 -17.83 -8.24
N ASP A 72 -5.60 -28.52 -4.88
CA ASP A 72 -5.11 -28.65 -6.26
C ASP A 72 -5.30 -27.34 -7.02
N TYR A 73 -5.41 -26.23 -6.29
CA TYR A 73 -5.42 -24.92 -6.93
C TYR A 73 -4.04 -24.63 -7.53
N LYS A 74 -4.03 -23.85 -8.61
CA LYS A 74 -2.77 -23.43 -9.20
C LYS A 74 -2.05 -22.45 -8.28
N GLU A 75 -0.74 -22.63 -8.15
CA GLU A 75 0.08 -21.81 -7.28
C GLU A 75 0.60 -20.60 -8.05
N LEU A 76 0.25 -19.41 -7.58
CA LEU A 76 0.74 -18.19 -8.21
C LEU A 76 2.11 -17.79 -7.68
N GLY A 77 2.43 -18.16 -6.45
CA GLY A 77 3.72 -17.83 -5.87
C GLY A 77 3.77 -18.24 -4.42
N LYS A 78 4.94 -18.02 -3.83
CA LYS A 78 5.18 -18.40 -2.45
C LYS A 78 6.27 -17.51 -1.87
N GLY A 79 6.07 -17.05 -0.64
CA GLY A 79 7.06 -16.27 0.06
C GLY A 79 7.50 -16.92 1.35
N GLU A 80 7.96 -16.12 2.31
CA GLU A 80 8.38 -16.67 3.59
C GLU A 80 7.19 -17.06 4.45
N GLN A 81 6.10 -16.30 4.39
CA GLN A 81 5.00 -16.42 5.33
C GLN A 81 3.71 -16.91 4.71
N GLY A 82 3.74 -17.43 3.49
CA GLY A 82 2.50 -17.95 2.92
C GLY A 82 2.70 -18.46 1.51
N THR A 83 1.61 -19.03 0.98
CA THR A 83 1.51 -19.49 -0.39
C THR A 83 0.28 -18.86 -1.01
N VAL A 84 0.41 -18.40 -2.25
CA VAL A 84 -0.67 -17.69 -2.95
C VAL A 84 -1.16 -18.55 -4.10
N TYR A 85 -2.48 -18.79 -4.11
CA TYR A 85 -3.12 -19.62 -5.12
C TYR A 85 -4.00 -18.76 -6.02
N GLU A 86 -4.38 -19.34 -7.15
CA GLU A 86 -5.32 -18.71 -8.08
C GLU A 86 -6.70 -19.33 -7.85
N LYS A 87 -7.55 -18.61 -7.12
CA LYS A 87 -8.92 -19.08 -6.91
C LYS A 87 -9.72 -18.98 -8.20
N THR A 88 -9.66 -17.82 -8.85
CA THR A 88 -10.28 -17.61 -10.16
C THR A 88 -9.32 -16.79 -11.01
N GLU A 89 -9.72 -16.53 -12.26
CA GLU A 89 -8.87 -15.71 -13.13
C GLU A 89 -8.73 -14.28 -12.61
N ASP A 90 -9.62 -13.85 -11.70
CA ASP A 90 -9.63 -12.48 -11.22
C ASP A 90 -9.30 -12.36 -9.74
N LYS A 91 -9.13 -13.47 -9.02
CA LYS A 91 -8.98 -13.42 -7.57
C LYS A 91 -7.88 -14.35 -7.11
N ALA A 92 -6.98 -13.81 -6.28
CA ALA A 92 -5.91 -14.58 -5.65
C ALA A 92 -6.30 -14.96 -4.23
N MSE A 93 -5.63 -15.97 -3.70
CA MSE A 93 -5.95 -16.54 -2.40
C MSE A 93 -4.68 -16.96 -1.66
O MSE A 93 -3.96 -17.86 -2.09
CB MSE A 93 -6.87 -17.76 -2.59
CG MSE A 93 -7.39 -18.41 -1.31
SE MSE A 93 -8.57 -19.84 -1.77
CE MSE A 93 -9.45 -20.30 -0.15
H MSE A 93 -4.95 -16.35 -4.08
HA MSE A 93 -6.43 -15.89 -1.86
HB2 MSE A 93 -7.65 -17.47 -3.10
HB3 MSE A 93 -6.38 -18.44 -3.08
HG2 MSE A 93 -6.66 -18.76 -0.79
HG3 MSE A 93 -7.88 -17.75 -0.79
HE1 MSE A 93 -9.75 -21.22 -0.19
HE2 MSE A 93 -8.83 -20.17 0.59
HE3 MSE A 93 -10.22 -19.70 -0.04
N LYS A 94 -4.41 -16.29 -0.54
CA LYS A 94 -3.17 -16.48 0.20
C LYS A 94 -3.44 -17.23 1.49
N VAL A 95 -2.64 -18.25 1.75
CA VAL A 95 -2.71 -19.04 2.97
C VAL A 95 -1.45 -18.73 3.79
N SER A 96 -1.62 -18.02 4.89
CA SER A 96 -0.50 -17.63 5.73
C SER A 96 -0.12 -18.77 6.68
N ARG A 97 1.13 -18.73 7.14
CA ARG A 97 1.65 -19.73 8.05
C ARG A 97 1.36 -19.43 9.52
N GLY A 98 0.69 -18.31 9.80
CA GLY A 98 0.43 -17.92 11.18
C GLY A 98 -0.83 -18.55 11.74
N ARG A 99 -0.92 -18.53 13.07
CA ARG A 99 -2.08 -19.01 13.81
C ARG A 99 -2.53 -17.91 14.76
N HIS A 100 -3.71 -17.37 14.55
CA HIS A 100 -4.27 -16.31 15.38
C HIS A 100 -5.77 -16.55 15.54
N PRO A 101 -6.38 -15.95 16.55
CA PRO A 101 -7.84 -16.07 16.69
C PRO A 101 -8.57 -15.32 15.58
N ARG A 102 -9.84 -15.68 15.41
CA ARG A 102 -10.69 -14.99 14.45
C ARG A 102 -10.65 -13.48 14.65
N GLU A 103 -10.73 -13.03 15.91
CA GLU A 103 -10.76 -11.60 16.17
C GLU A 103 -9.50 -10.90 15.67
N PHE A 104 -8.39 -11.62 15.57
CA PHE A 104 -7.16 -11.03 15.04
C PHE A 104 -7.34 -10.65 13.58
N TYR A 105 -7.95 -11.53 12.79
CA TYR A 105 -8.18 -11.23 11.39
C TYR A 105 -9.31 -10.23 11.19
N GLU A 106 -10.35 -10.31 12.00
CA GLU A 106 -11.44 -9.34 11.92
C GLU A 106 -10.93 -7.92 12.11
N GLU A 107 -9.99 -7.73 13.05
CA GLU A 107 -9.45 -6.39 13.29
C GLU A 107 -8.63 -5.91 12.09
N ILE A 108 -7.79 -6.80 11.53
CA ILE A 108 -7.05 -6.44 10.33
C ILE A 108 -8.01 -6.06 9.22
N ASN A 109 -9.06 -6.85 9.02
CA ASN A 109 -10.03 -6.56 7.96
C ASN A 109 -10.65 -5.19 8.13
N LEU A 110 -11.03 -4.83 9.36
CA LEU A 110 -11.60 -3.51 9.59
C LEU A 110 -10.62 -2.40 9.20
N HIS A 111 -9.34 -2.57 9.55
CA HIS A 111 -8.36 -1.55 9.20
C HIS A 111 -8.10 -1.52 7.70
N ILE A 112 -8.10 -2.70 7.05
CA ILE A 112 -7.91 -2.73 5.61
C ILE A 112 -9.06 -2.02 4.90
N ILE A 113 -10.29 -2.23 5.36
CA ILE A 113 -11.43 -1.56 4.75
C ILE A 113 -11.28 -0.05 4.88
N GLU A 114 -10.96 0.43 6.10
CA GLU A 114 -10.73 1.85 6.28
C GLU A 114 -9.60 2.34 5.39
N GLN A 115 -8.53 1.55 5.27
CA GLN A 115 -7.41 1.95 4.43
C GLN A 115 -7.81 1.97 2.96
N GLN A 116 -8.65 1.02 2.54
CA GLN A 116 -9.19 1.05 1.19
C GLN A 116 -9.95 2.34 0.94
N PHE A 117 -10.75 2.79 1.91
CA PHE A 117 -11.48 4.04 1.74
C PHE A 117 -10.51 5.23 1.64
N PHE A 118 -9.47 5.23 2.45
CA PHE A 118 -8.44 6.26 2.31
C PHE A 118 -7.88 6.27 0.90
N LEU A 119 -7.53 5.08 0.36
CA LEU A 119 -6.99 5.01 -0.98
C LEU A 119 -7.98 5.56 -2.01
N LYS A 120 -9.26 5.19 -1.88
CA LYS A 120 -10.26 5.70 -2.80
C LYS A 120 -10.35 7.22 -2.74
N TYR A 121 -10.42 7.77 -1.53
CA TYR A 121 -10.57 9.21 -1.35
C TYR A 121 -9.33 9.99 -1.79
N HIS A 122 -8.23 9.31 -2.10
CA HIS A 122 -7.06 9.94 -2.69
C HIS A 122 -6.80 9.49 -4.12
N GLY A 123 -7.67 8.68 -4.69
CA GLY A 123 -7.50 8.24 -6.07
C GLY A 123 -6.25 7.45 -6.33
N ILE A 124 -5.86 6.56 -5.40
CA ILE A 124 -4.65 5.77 -5.56
C ILE A 124 -4.91 4.31 -5.22
N GLN A 125 -6.19 3.92 -5.14
CA GLN A 125 -6.51 2.53 -4.81
C GLN A 125 -5.89 1.56 -5.81
N GLU A 126 -5.81 1.96 -7.08
CA GLU A 126 -5.35 1.05 -8.12
C GLU A 126 -3.91 0.59 -7.93
N HIS A 127 -3.11 1.33 -7.16
CA HIS A 127 -1.68 1.03 -6.99
C HIS A 127 -1.41 0.07 -5.85
N PHE A 128 -2.42 -0.33 -5.08
CA PHE A 128 -2.25 -1.20 -3.93
C PHE A 128 -3.26 -2.34 -4.00
N VAL A 129 -2.82 -3.53 -3.65
CA VAL A 129 -3.66 -4.75 -3.76
C VAL A 129 -4.03 -5.11 -2.34
N LEU A 130 -5.18 -4.60 -1.88
CA LEU A 130 -5.72 -4.96 -0.59
C LEU A 130 -6.75 -6.08 -0.75
N GLY A 131 -7.20 -6.61 0.39
CA GLY A 131 -8.10 -7.74 0.38
C GLY A 131 -8.64 -7.98 1.77
N LEU A 132 -9.26 -9.14 1.96
CA LEU A 132 -9.89 -9.46 3.24
C LEU A 132 -9.61 -10.91 3.61
N TRP A 133 -9.53 -11.16 4.92
CA TRP A 133 -9.32 -12.50 5.45
C TRP A 133 -10.67 -13.17 5.62
N ASN A 134 -10.86 -14.31 4.95
CA ASN A 134 -12.07 -15.10 5.11
C ASN A 134 -11.94 -15.95 6.36
N ILE A 135 -12.92 -15.84 7.26
CA ILE A 135 -12.81 -16.44 8.58
C ILE A 135 -14.03 -17.28 8.93
N LYS A 136 -14.81 -17.67 7.93
CA LYS A 136 -15.99 -18.47 8.22
C LYS A 136 -15.60 -19.83 8.81
N ASN A 137 -14.40 -20.32 8.50
CA ASN A 137 -13.78 -21.45 9.20
C ASN A 137 -12.53 -20.91 9.89
N GLU A 138 -12.57 -20.85 11.23
CA GLU A 138 -11.44 -20.29 11.98
C GLU A 138 -10.16 -21.10 11.80
N GLU A 139 -10.26 -22.35 11.37
CA GLU A 139 -9.09 -23.18 11.13
C GLU A 139 -8.71 -23.25 9.66
N ASN A 140 -9.46 -22.60 8.77
CA ASN A 140 -9.17 -22.57 7.35
C ASN A 140 -9.27 -21.12 6.85
N VAL A 141 -8.40 -20.28 7.36
CA VAL A 141 -8.41 -18.86 7.08
C VAL A 141 -7.54 -18.57 5.86
N TYR A 142 -7.98 -17.62 5.04
CA TYR A 142 -7.26 -17.29 3.82
C TYR A 142 -7.63 -15.88 3.39
N PHE A 143 -6.76 -15.29 2.58
CA PHE A 143 -6.84 -13.87 2.22
C PHE A 143 -7.22 -13.76 0.75
N TYR A 144 -8.43 -13.27 0.49
CA TYR A 144 -8.87 -13.01 -0.89
C TYR A 144 -8.36 -11.65 -1.34
N MSE A 145 -8.01 -11.56 -2.63
CA MSE A 145 -7.59 -10.29 -3.22
C MSE A 145 -7.60 -10.37 -4.74
O MSE A 145 -7.54 -11.44 -5.29
CB MSE A 145 -6.18 -9.90 -2.73
CG MSE A 145 -5.12 -10.91 -3.14
SE MSE A 145 -3.35 -10.48 -2.43
CE MSE A 145 -2.72 -12.32 -2.18
H MSE A 145 -8.00 -12.22 -3.17
HA MSE A 145 -8.20 -9.60 -2.92
HB2 MSE A 145 -5.94 -9.05 -3.11
HB3 MSE A 145 -6.19 -9.86 -1.77
HG2 MSE A 145 -5.37 -11.79 -2.81
HG3 MSE A 145 -5.05 -10.93 -4.11
HE1 MSE A 145 -1.82 -12.29 -1.81
HE2 MSE A 145 -3.32 -12.78 -1.55
HE3 MSE A 145 -2.72 -12.77 -3.03
N PRO A 146 -7.69 -9.22 -5.40
CA PRO A 146 -7.64 -9.20 -6.87
C PRO A 146 -6.34 -9.84 -7.36
N LYS A 147 -6.47 -10.71 -8.36
CA LYS A 147 -5.31 -11.30 -9.01
C LYS A 147 -4.80 -10.34 -10.08
N ILE A 148 -3.51 -10.00 -10.01
CA ILE A 148 -2.88 -9.14 -10.98
C ILE A 148 -1.93 -9.97 -11.84
N ASN A 149 -1.56 -9.41 -13.00
CA ASN A 149 -0.76 -10.11 -13.99
C ASN A 149 0.51 -9.31 -14.26
N ALA A 150 1.66 -9.86 -13.86
CA ALA A 150 2.92 -9.17 -14.01
C ALA A 150 3.39 -9.19 -15.46
N ILE A 151 4.06 -8.12 -15.87
CA ILE A 151 4.65 -8.04 -17.20
C ILE A 151 6.07 -7.50 -17.07
N PRO A 152 6.88 -7.54 -18.13
CA PRO A 152 8.27 -7.09 -18.00
C PRO A 152 8.36 -5.65 -17.55
N ILE A 153 9.51 -5.32 -16.96
CA ILE A 153 9.82 -3.99 -16.51
C ILE A 153 10.96 -3.42 -17.36
N ASN A 154 10.76 -2.22 -17.88
CA ASN A 154 11.83 -1.44 -18.48
C ASN A 154 11.92 -0.13 -17.71
N LYS A 155 13.10 0.15 -17.15
CA LYS A 155 13.24 1.28 -16.24
C LYS A 155 13.10 2.62 -16.95
N LYS A 156 13.54 2.69 -18.21
CA LYS A 156 13.40 3.92 -18.99
C LYS A 156 12.04 3.99 -19.69
N ILE A 157 11.70 2.97 -20.48
CA ILE A 157 10.44 3.01 -21.23
C ILE A 157 9.26 3.07 -20.28
N ASP A 158 9.35 2.40 -19.13
CA ASP A 158 8.27 2.37 -18.14
C ASP A 158 8.57 3.23 -16.92
N GLN A 159 9.45 4.22 -17.05
CA GLN A 159 9.74 5.10 -15.93
C GLN A 159 8.49 5.80 -15.40
N PRO A 160 7.55 6.26 -16.24
CA PRO A 160 6.34 6.87 -15.68
C PRO A 160 5.54 5.95 -14.78
N LYS A 161 5.52 4.64 -15.07
CA LYS A 161 4.83 3.71 -14.19
C LYS A 161 5.37 3.77 -12.78
N ILE A 162 6.70 3.74 -12.64
CA ILE A 162 7.31 3.76 -11.33
C ILE A 162 7.14 5.13 -10.68
N GLU A 163 7.32 6.19 -11.47
CA GLU A 163 7.10 7.54 -10.95
C GLU A 163 5.70 7.68 -10.36
N GLU A 164 4.69 7.23 -11.11
CA GLU A 164 3.31 7.37 -10.64
C GLU A 164 3.07 6.55 -9.39
N PHE A 165 3.66 5.36 -9.31
CA PHE A 165 3.50 4.56 -8.10
C PHE A 165 4.17 5.24 -6.90
N VAL A 166 5.37 5.79 -7.10
CA VAL A 166 6.10 6.42 -6.00
C VAL A 166 5.32 7.59 -5.45
N LEU A 167 4.77 8.45 -6.33
CA LEU A 167 3.99 9.59 -5.87
C LEU A 167 2.73 9.12 -5.15
N ALA A 168 2.13 8.02 -5.61
CA ALA A 168 0.99 7.46 -4.89
C ALA A 168 1.42 6.96 -3.51
N LEU A 169 2.57 6.30 -3.43
CA LEU A 169 3.06 5.83 -2.13
C LEU A 169 3.40 7.01 -1.22
N LYS A 170 3.92 8.10 -1.79
CA LYS A 170 4.21 9.29 -1.00
C LYS A 170 2.94 9.87 -0.39
N GLU A 171 1.86 9.91 -1.17
CA GLU A 171 0.57 10.35 -0.63
C GLU A 171 0.17 9.49 0.55
N LEU A 172 0.42 8.18 0.45
CA LEU A 172 0.17 7.29 1.58
C LEU A 172 1.07 7.63 2.76
N ASN A 173 2.38 7.76 2.51
CA ASN A 173 3.31 8.05 3.59
C ASN A 173 3.00 9.40 4.24
N ASP A 174 2.65 10.40 3.42
CA ASP A 174 2.36 11.73 3.98
C ASP A 174 1.24 11.67 5.02
N ALA A 175 0.35 10.69 4.90
CA ALA A 175 -0.77 10.53 5.81
C ALA A 175 -0.47 9.62 7.01
N GLY A 176 0.76 9.13 7.12
CA GLY A 176 1.14 8.29 8.24
C GLY A 176 1.01 6.80 8.05
N TYR A 177 0.71 6.34 6.83
CA TYR A 177 0.66 4.92 6.50
C TYR A 177 1.89 4.54 5.68
N TRP A 178 2.35 3.30 5.85
CA TRP A 178 3.45 2.83 5.01
C TRP A 178 3.35 1.31 4.81
N HIS A 179 4.03 0.86 3.76
CA HIS A 179 4.04 -0.57 3.41
C HIS A 179 4.87 -1.34 4.44
N PRO A 180 4.39 -2.48 4.95
CA PRO A 180 5.16 -3.21 5.97
C PRO A 180 6.38 -3.94 5.43
N ASP A 181 6.48 -4.17 4.11
CA ASP A 181 7.60 -4.91 3.54
C ASP A 181 7.81 -4.44 2.10
N LEU A 182 8.35 -3.23 1.95
CA LEU A 182 8.71 -2.72 0.63
C LEU A 182 10.06 -2.04 0.71
N ALA A 183 10.23 -1.15 1.69
CA ALA A 183 11.50 -0.45 1.93
C ALA A 183 11.52 -0.09 3.42
N ASN A 184 11.98 -1.04 4.23
CA ASN A 184 11.96 -0.84 5.68
C ASN A 184 12.93 0.27 6.11
N ASN A 185 14.02 0.46 5.37
CA ASN A 185 15.02 1.47 5.68
C ASN A 185 15.80 1.75 4.41
N PRO A 186 16.70 2.74 4.43
CA PRO A 186 17.43 3.07 3.19
C PRO A 186 18.29 1.94 2.64
N TYR A 187 18.61 0.93 3.45
CA TYR A 187 19.47 -0.16 3.02
C TYR A 187 18.70 -1.42 2.68
N HIS A 188 17.37 -1.42 2.82
CA HIS A 188 16.55 -2.60 2.57
C HIS A 188 15.44 -2.24 1.60
N ILE A 189 15.39 -2.95 0.47
CA ILE A 189 14.30 -2.85 -0.49
C ILE A 189 13.88 -4.26 -0.84
N SER A 190 12.57 -4.46 -1.02
CA SER A 190 11.99 -5.73 -1.40
C SER A 190 11.31 -5.56 -2.76
N PRO A 191 12.08 -5.58 -3.84
CA PRO A 191 11.49 -5.32 -5.16
C PRO A 191 10.43 -6.32 -5.57
N GLN A 192 10.45 -7.52 -4.99
CA GLN A 192 9.48 -8.54 -5.37
C GLN A 192 8.05 -8.12 -5.05
N ASN A 193 7.87 -7.13 -4.18
CA ASN A 193 6.53 -6.65 -3.83
C ASN A 193 6.08 -5.49 -4.73
N LEU A 194 6.83 -5.19 -5.77
CA LEU A 194 6.40 -4.28 -6.83
C LEU A 194 6.08 -5.12 -8.07
N ILE A 195 4.88 -4.95 -8.60
CA ILE A 195 4.43 -5.68 -9.78
C ILE A 195 4.02 -4.67 -10.84
N ALA A 196 4.55 -4.82 -12.05
CA ALA A 196 4.19 -3.97 -13.17
C ALA A 196 3.12 -4.64 -14.01
N THR A 197 2.02 -3.93 -14.25
CA THR A 197 0.96 -4.38 -15.15
C THR A 197 1.00 -3.51 -16.41
N GLU A 198 -0.03 -3.67 -17.25
CA GLU A 198 -0.07 -2.92 -18.50
C GLU A 198 -0.02 -1.42 -18.25
N GLU A 199 -0.88 -0.93 -17.36
CA GLU A 199 -1.07 0.51 -17.20
C GLU A 199 -0.18 1.11 -16.12
N MSE A 200 0.28 0.32 -15.16
CA MSE A 200 0.90 0.88 -13.97
C MSE A 200 1.75 -0.12 -13.21
O MSE A 200 1.93 -1.26 -13.63
CB MSE A 200 -0.21 1.40 -13.04
CG MSE A 200 -1.09 0.28 -12.48
SE MSE A 200 -2.67 0.92 -11.50
CE MSE A 200 -3.65 1.69 -12.98
H MSE A 200 0.25 -0.54 -15.17
HA MSE A 200 1.47 1.60 -14.25
HB2 MSE A 200 0.20 1.85 -12.28
HB3 MSE A 200 -0.77 2.01 -13.53
HG2 MSE A 200 -1.41 -0.27 -13.22
HG3 MSE A 200 -0.56 -0.26 -11.88
HE1 MSE A 200 -4.49 2.06 -12.65
HE2 MSE A 200 -3.12 2.41 -13.38
HE3 MSE A 200 -3.83 1.00 -13.64
N VAL A 201 2.29 0.33 -12.07
CA VAL A 201 2.96 -0.52 -11.10
C VAL A 201 2.10 -0.57 -9.85
N LYS A 202 1.86 -1.79 -9.35
CA LYS A 202 1.14 -2.03 -8.12
C LYS A 202 2.07 -2.67 -7.10
N THR A 203 1.63 -2.68 -5.85
CA THR A 203 2.38 -3.31 -4.78
C THR A 203 1.49 -4.31 -4.05
N ILE A 204 2.09 -5.45 -3.67
CA ILE A 204 1.36 -6.54 -3.04
C ILE A 204 1.95 -6.81 -1.66
N ASP A 205 1.59 -7.94 -1.07
CA ASP A 205 2.07 -8.33 0.27
C ASP A 205 1.54 -7.38 1.33
N LEU A 206 0.25 -7.01 1.19
CA LEU A 206 -0.41 -6.11 2.14
C LEU A 206 -1.49 -6.81 2.96
N ASP A 207 -1.37 -8.13 3.15
CA ASP A 207 -2.43 -8.86 3.82
C ASP A 207 -2.52 -8.53 5.31
N GLY A 208 -1.55 -7.82 5.87
CA GLY A 208 -1.66 -7.25 7.19
C GLY A 208 -2.12 -5.82 7.21
N GLY A 209 -2.47 -5.24 6.07
CA GLY A 209 -2.77 -3.83 5.99
C GLY A 209 -1.50 -2.99 6.05
N PHE A 210 -1.69 -1.68 5.95
CA PHE A 210 -0.55 -0.78 6.06
C PHE A 210 -0.14 -0.64 7.52
N ARG A 211 1.13 -0.28 7.71
CA ARG A 211 1.60 0.10 9.03
C ARG A 211 1.23 1.55 9.30
N TYR A 212 1.15 1.87 10.60
CA TYR A 212 0.87 3.23 11.04
C TYR A 212 1.33 3.35 12.48
N ASP A 213 1.59 4.59 12.91
CA ASP A 213 2.07 4.80 14.26
C ASP A 213 0.93 4.65 15.28
N LYS A 214 1.25 4.03 16.42
CA LYS A 214 0.28 3.80 17.48
C LYS A 214 0.62 4.58 18.74
N GLY A 215 1.45 5.60 18.62
CA GLY A 215 1.80 6.44 19.75
C GLY A 215 2.91 5.92 20.62
N ARG A 216 3.57 4.84 20.24
CA ARG A 216 4.64 4.27 21.04
C ARG A 216 5.92 5.10 20.87
N VAL A 217 6.72 5.14 21.93
CA VAL A 217 7.87 6.03 22.00
C VAL A 217 9.18 5.26 22.21
N ASP A 218 9.17 3.94 22.04
CA ASP A 218 10.43 3.21 22.07
C ASP A 218 11.25 3.58 20.83
N GLU A 219 12.55 3.28 20.89
CA GLU A 219 13.45 3.65 19.81
C GLU A 219 13.00 3.02 18.48
N LEU A 220 12.69 1.73 18.50
CA LEU A 220 12.33 1.04 17.25
C LEU A 220 11.10 1.67 16.61
N SER A 221 10.06 1.91 17.40
CA SER A 221 8.85 2.50 16.83
C SER A 221 9.12 3.85 16.21
N ARG A 222 9.91 4.69 16.89
CA ARG A 222 10.17 6.03 16.39
C ARG A 222 10.97 6.00 15.09
N LYS A 223 11.95 5.09 15.00
CA LYS A 223 12.70 4.97 13.75
C LYS A 223 11.83 4.42 12.64
N SER A 224 10.96 3.45 12.95
CA SER A 224 10.08 2.89 11.94
C SER A 224 9.15 3.95 11.37
N LEU A 225 8.66 4.86 12.23
CA LEU A 225 7.81 5.94 11.73
C LEU A 225 8.58 6.85 10.78
N VAL A 226 9.81 7.19 11.12
CA VAL A 226 10.61 8.05 10.25
C VAL A 226 10.88 7.36 8.91
N TYR A 227 11.27 6.08 8.98
CA TYR A 227 11.56 5.34 7.75
C TYR A 227 10.29 5.18 6.90
N GLY A 228 9.14 5.01 7.56
CA GLY A 228 7.91 4.83 6.81
C GLY A 228 7.47 6.08 6.08
N LYS A 229 7.60 7.25 6.73
CA LYS A 229 7.18 8.49 6.09
C LYS A 229 8.06 8.83 4.88
N ASP A 230 9.31 8.37 4.86
CA ASP A 230 10.21 8.58 3.73
C ASP A 230 10.33 7.35 2.85
N GLN A 231 9.49 6.35 3.08
CA GLN A 231 9.54 5.11 2.31
C GLN A 231 9.57 5.39 0.81
N TRP A 232 8.64 6.22 0.34
CA TRP A 232 8.56 6.53 -1.08
C TRP A 232 9.89 7.00 -1.65
N LEU A 233 10.66 7.74 -0.86
CA LEU A 233 11.94 8.27 -1.34
C LEU A 233 12.96 7.15 -1.51
N TYR A 234 12.96 6.17 -0.61
CA TYR A 234 13.92 5.07 -0.70
C TYR A 234 13.68 4.27 -1.97
N VAL A 235 12.41 3.97 -2.28
CA VAL A 235 12.09 3.20 -3.47
C VAL A 235 12.58 3.93 -4.72
N TYR A 236 12.25 5.22 -4.83
CA TYR A 236 12.60 5.95 -6.04
C TYR A 236 14.11 6.05 -6.22
N ASN A 237 14.84 6.40 -5.16
CA ASN A 237 16.28 6.58 -5.27
C ASN A 237 17.01 5.27 -5.52
N PHE A 238 16.48 4.16 -4.99
CA PHE A 238 17.09 2.86 -5.27
C PHE A 238 17.00 2.54 -6.75
N ILE A 239 15.88 2.87 -7.39
CA ILE A 239 15.68 2.54 -8.80
C ILE A 239 16.32 3.58 -9.71
N TYR A 240 16.20 4.86 -9.35
CA TYR A 240 16.73 5.96 -10.16
C TYR A 240 17.63 6.83 -9.29
N PRO A 241 18.75 6.28 -8.84
CA PRO A 241 19.66 7.04 -7.98
C PRO A 241 20.17 8.29 -8.68
N PRO A 242 20.62 9.28 -7.92
CA PRO A 242 21.21 10.47 -8.56
C PRO A 242 22.48 10.12 -9.32
N THR A 243 22.76 10.92 -10.34
CA THR A 243 23.89 10.71 -11.24
C THR A 243 24.70 12.00 -11.33
N ASP A 244 26.02 11.86 -11.30
CA ASP A 244 26.92 13.00 -11.36
C ASP A 244 27.46 13.17 -12.78
N GLU A 245 28.44 14.06 -12.93
CA GLU A 245 28.97 14.35 -14.25
C GLU A 245 29.53 13.10 -14.93
N GLU A 246 30.14 12.21 -14.15
CA GLU A 246 30.77 11.02 -14.70
C GLU A 246 29.79 9.89 -14.97
N ASP A 247 28.48 10.15 -14.89
CA ASP A 247 27.46 9.12 -15.04
C ASP A 247 27.60 8.03 -13.98
N HIS A 248 28.06 8.42 -12.80
CA HIS A 248 28.29 7.49 -11.69
C HIS A 248 27.26 7.74 -10.59
N ARG A 249 26.66 6.67 -10.09
CA ARG A 249 25.53 6.77 -9.18
C ARG A 249 25.98 7.25 -7.81
N ILE A 250 25.23 8.21 -7.26
CA ILE A 250 25.53 8.81 -5.97
C ILE A 250 24.86 7.97 -4.87
N ASP A 251 25.55 7.79 -3.76
CA ASP A 251 24.98 7.07 -2.63
C ASP A 251 24.10 8.03 -1.83
N TRP A 252 22.84 8.14 -2.25
CA TRP A 252 21.87 8.98 -1.57
C TRP A 252 21.69 8.63 -0.10
N ARG A 253 22.10 7.43 0.31
CA ARG A 253 21.87 7.02 1.69
C ARG A 253 22.74 7.79 2.67
N VAL A 254 23.92 8.24 2.24
CA VAL A 254 24.88 8.87 3.15
C VAL A 254 24.33 10.18 3.71
N PRO A 255 23.91 11.12 2.87
CA PRO A 255 23.35 12.37 3.43
C PRO A 255 22.07 12.14 4.21
N ILE A 256 21.24 11.20 3.78
CA ILE A 256 19.97 10.96 4.46
C ILE A 256 20.20 10.39 5.85
N GLU A 257 21.08 9.38 5.95
CA GLU A 257 21.39 8.80 7.25
C GLU A 257 21.98 9.84 8.19
N LYS A 258 22.92 10.64 7.70
CA LYS A 258 23.50 11.69 8.54
C LYS A 258 22.44 12.68 8.97
N TRP A 259 21.43 12.92 8.13
CA TRP A 259 20.36 13.83 8.49
C TRP A 259 19.53 13.26 9.63
N TYR A 260 19.12 12.00 9.51
CA TYR A 260 18.33 11.36 10.57
C TYR A 260 19.09 11.42 11.90
N GLU A 261 20.39 11.09 11.88
CA GLU A 261 21.16 11.05 13.11
C GLU A 261 21.20 12.41 13.78
N ASN A 262 21.12 13.49 13.00
CA ASN A 262 21.26 14.84 13.53
C ASN A 262 19.94 15.61 13.56
N ASN A 263 18.84 15.02 13.07
CA ASN A 263 17.50 15.61 13.15
C ASN A 263 16.58 14.51 13.70
N ARG A 264 16.62 14.31 15.02
CA ARG A 264 15.95 13.16 15.62
C ARG A 264 14.44 13.28 15.51
N ASP A 265 13.79 12.14 15.28
CA ASP A 265 12.33 12.05 15.24
C ASP A 265 11.74 12.99 14.18
N GLU A 266 12.43 13.09 13.05
CA GLU A 266 11.97 13.91 11.94
C GLU A 266 12.23 13.17 10.63
N SER A 267 11.33 13.39 9.67
CA SER A 267 11.42 12.78 8.35
C SER A 267 11.71 13.86 7.31
N LEU A 268 12.35 13.45 6.21
CA LEU A 268 12.64 14.39 5.14
C LEU A 268 11.36 14.93 4.53
N SER A 269 10.31 14.11 4.47
CA SER A 269 9.06 14.54 3.83
C SER A 269 8.40 15.68 4.59
N ASP A 270 8.57 15.74 5.91
CA ASP A 270 8.05 16.84 6.71
C ASP A 270 8.87 18.12 6.54
N ASN A 271 9.93 18.10 5.73
CA ASN A 271 10.81 19.26 5.54
C ASN A 271 11.10 19.39 4.05
N PRO A 272 10.16 19.94 3.29
CA PRO A 272 10.40 20.11 1.84
C PRO A 272 11.68 20.88 1.52
N HIS A 273 12.09 21.82 2.39
CA HIS A 273 13.33 22.54 2.15
C HIS A 273 14.53 21.61 2.17
N THR A 274 14.49 20.56 2.99
CA THR A 274 15.56 19.57 2.99
C THR A 274 15.57 18.81 1.67
N LEU A 275 14.40 18.36 1.21
CA LEU A 275 14.32 17.61 -0.04
C LEU A 275 14.84 18.46 -1.20
N LEU A 276 14.41 19.73 -1.26
CA LEU A 276 14.83 20.60 -2.35
C LEU A 276 16.33 20.89 -2.26
N ARG A 277 16.84 21.11 -1.05
CA ARG A 277 18.27 21.36 -0.89
C ARG A 277 19.09 20.16 -1.33
N PHE A 278 18.77 18.97 -0.80
CA PHE A 278 19.47 17.77 -1.21
C PHE A 278 19.33 17.51 -2.71
N TYR A 279 18.12 17.74 -3.25
CA TYR A 279 17.93 17.57 -4.69
C TYR A 279 18.77 18.57 -5.48
N HIS A 280 18.81 19.83 -5.03
CA HIS A 280 19.59 20.84 -5.72
C HIS A 280 21.08 20.52 -5.68
N GLU A 281 21.55 19.90 -4.60
CA GLU A 281 22.95 19.55 -4.46
C GLU A 281 23.33 18.28 -5.21
N GLY A 282 22.37 17.56 -5.78
CA GLY A 282 22.66 16.31 -6.44
C GLY A 282 22.80 15.14 -5.51
N LEU A 283 22.25 15.22 -4.29
CA LEU A 283 22.39 14.17 -3.31
C LEU A 283 21.29 13.12 -3.39
N ILE A 284 20.08 13.52 -3.77
CA ILE A 284 18.94 12.61 -3.88
C ILE A 284 18.25 12.87 -5.21
N SER A 285 17.46 11.89 -5.62
CA SER A 285 16.58 12.02 -6.78
C SER A 285 15.14 12.23 -6.31
N LEU A 286 14.33 12.79 -7.22
CA LEU A 286 12.93 13.02 -6.95
C LEU A 286 12.14 12.70 -8.22
N PRO A 287 10.93 12.17 -8.07
CA PRO A 287 10.05 12.02 -9.25
C PRO A 287 9.95 13.34 -10.00
N LYS A 288 9.90 13.26 -11.32
CA LYS A 288 9.93 14.47 -12.14
C LYS A 288 8.86 15.47 -11.73
N LYS A 289 7.64 14.98 -11.46
CA LYS A 289 6.54 15.89 -11.16
C LYS A 289 6.73 16.57 -9.81
N LEU A 290 7.32 15.87 -8.83
CA LEU A 290 7.54 16.47 -7.53
C LEU A 290 8.61 17.57 -7.61
N ALA A 291 9.71 17.29 -8.31
CA ALA A 291 10.71 18.33 -8.55
C ALA A 291 10.07 19.53 -9.22
N HIS A 292 9.27 19.28 -10.26
CA HIS A 292 8.60 20.38 -10.95
C HIS A 292 7.68 21.14 -10.00
N ASP A 293 6.86 20.42 -9.23
CA ASP A 293 5.93 21.08 -8.31
C ASP A 293 6.68 21.89 -7.27
N LEU A 294 7.75 21.34 -6.71
CA LEU A 294 8.53 22.07 -5.71
C LEU A 294 9.15 23.33 -6.32
N HIS A 295 9.75 23.19 -7.50
CA HIS A 295 10.36 24.34 -8.15
C HIS A 295 9.31 25.38 -8.53
N GLU A 296 8.15 24.92 -9.02
CA GLU A 296 7.06 25.84 -9.32
C GLU A 296 6.57 26.57 -8.08
N THR A 297 6.69 25.93 -6.91
CA THR A 297 6.31 26.60 -5.67
C THR A 297 7.18 27.83 -5.41
N ILE A 298 8.43 27.81 -5.91
CA ILE A 298 9.34 28.92 -5.68
C ILE A 298 9.12 30.03 -6.72
N LEU A 299 9.11 29.66 -8.00
CA LEU A 299 8.86 30.64 -9.05
C LEU A 299 7.64 31.50 -8.73
N GLU A 300 6.56 30.86 -8.29
CA GLU A 300 5.33 31.56 -7.95
C GLU A 300 5.45 32.25 -6.60
C1 IHP B . -16.72 -18.00 -4.19
C2 IHP B . -17.56 -19.29 -4.16
C3 IHP B . -17.75 -19.80 -2.73
C4 IHP B . -18.39 -18.73 -1.85
C5 IHP B . -17.47 -17.48 -1.79
C6 IHP B . -17.17 -16.94 -3.19
O11 IHP B . -16.80 -17.43 -5.48
P1 IHP B . -15.48 -17.51 -6.46
O21 IHP B . -15.29 -16.17 -7.12
O31 IHP B . -14.27 -17.88 -5.65
O41 IHP B . -15.72 -18.57 -7.53
O12 IHP B . -16.87 -20.26 -4.92
P2 IHP B . -17.69 -21.06 -6.11
O22 IHP B . -19.04 -20.43 -6.31
O32 IHP B . -16.90 -20.97 -7.39
O42 IHP B . -17.87 -22.50 -5.71
O13 IHP B . -16.49 -20.11 -2.21
P3 IHP B . -16.26 -21.51 -1.38
O23 IHP B . -17.45 -22.43 -1.56
O33 IHP B . -15.00 -22.18 -1.90
O43 IHP B . -16.08 -21.21 0.09
O14 IHP B . -18.58 -19.22 -0.56
P4 IHP B . -20.06 -19.01 0.12
O24 IHP B . -21.11 -19.72 -0.70
O34 IHP B . -20.39 -17.53 0.12
O44 IHP B . -20.06 -19.55 1.52
O15 IHP B . -18.09 -16.48 -1.05
P5 IHP B . -17.46 -16.08 0.41
O25 IHP B . -18.58 -15.67 1.34
O35 IHP B . -16.71 -17.23 1.01
O45 IHP B . -16.50 -14.91 0.21
O16 IHP B . -16.15 -15.97 -3.09
P6 IHP B . -16.51 -14.38 -3.36
O26 IHP B . -15.52 -13.79 -4.34
O36 IHP B . -17.90 -14.25 -3.91
O46 IHP B . -16.42 -13.65 -2.03
H1 IHP B . -15.80 -18.26 -3.97
H2 IHP B . -18.43 -19.13 -4.56
H3 IHP B . -18.31 -20.60 -2.73
H4 IHP B . -19.26 -18.47 -2.20
H5 IHP B . -16.64 -17.73 -1.37
H6 IHP B . -18.00 -16.54 -3.52
PB ADP C . 6.18 -12.16 -0.04
O1B ADP C . 7.02 -10.92 -0.28
O2B ADP C . 6.64 -13.35 -0.84
O3B ADP C . 5.88 -12.45 1.41
PA ADP C . 3.56 -12.82 -0.91
O1A ADP C . 2.28 -12.05 -0.71
O2A ADP C . 3.81 -14.05 -0.08
O3A ADP C . 4.74 -11.75 -0.66
O5' ADP C . 3.63 -13.21 -2.46
C5' ADP C . 4.49 -14.23 -2.94
C4' ADP C . 4.34 -14.35 -4.43
O4' ADP C . 2.99 -14.70 -4.81
C3' ADP C . 4.68 -13.04 -5.18
O3' ADP C . 6.03 -12.91 -5.51
C2' ADP C . 3.77 -13.13 -6.43
O2' ADP C . 4.47 -13.73 -7.51
C1' ADP C . 2.59 -14.01 -6.00
N9 ADP C . 1.44 -13.12 -5.73
C8 ADP C . 1.16 -12.56 -4.54
N7 ADP C . 0.04 -11.79 -4.63
C5 ADP C . -0.39 -11.84 -5.89
C6 ADP C . -1.51 -11.27 -6.67
N6 ADP C . -2.39 -10.47 -6.06
N1 ADP C . -1.62 -11.59 -7.98
C2 ADP C . -0.72 -12.40 -8.59
N3 ADP C . 0.31 -12.96 -7.94
C4 ADP C . 0.53 -12.72 -6.62
H5'1 ADP C . 4.25 -15.18 -2.46
H5'2 ADP C . 5.52 -13.98 -2.68
H4' ADP C . 5.05 -15.13 -4.71
H3' ADP C . 4.50 -12.14 -4.57
HO3' ADP C . 6.18 -12.06 -5.96
H2' ADP C . 3.45 -12.14 -6.79
HO2' ADP C . 5.21 -13.16 -7.77
H1' ADP C . 2.30 -14.73 -6.77
H8 ADP C . 1.73 -12.71 -3.63
HN61 ADP C . -2.30 -10.25 -5.08
HN62 ADP C . -3.15 -10.07 -6.59
H2 ADP C . -0.85 -12.62 -9.65
MN MN D . 4.56 -14.20 2.37
#